data_7ANH
#
_entry.id   7ANH
#
_cell.length_a   131.801
_cell.length_b   131.801
_cell.length_c   50.170
_cell.angle_alpha   90.000
_cell.angle_beta   90.000
_cell.angle_gamma   90.000
#
_symmetry.space_group_name_H-M   'P 42 21 2'
#
loop_
_entity.id
_entity.type
_entity.pdbx_description
1 polymer 'GDP-L-fucose synthase'
2 water water
#
_entity_poly.entity_id   1
_entity_poly.type   'polypeptide(L)'
_entity_poly.pdbx_seq_one_letter_code
;GMQKDSKIYIAGHSGLVGSAILNELKQQGYKNLVFKTHFELDLTNQKAVADFFEREKPEYVILAAAKAGGILANNTYRAD
FIYQNLMIECNVIHNAYLHKVKKLLFIASTTVYPKNATLPTSEEQMLSGDLEYTNKPYAIAKISGLMLCESYNLQYNTNF
IAITPTNLYGNNDKFDLEKSHVLPGILRKMHLAKLLNEKRYEDLLNDLKFDSIEEAKNYLKKFGVDKDNVEIWGSGKPTR
EFLHSQDLANACLFIMNNIDFKDLKSDNIEIINTHLNIGPHKNITIKELAELIKNIVGFKGKLVFNLNRPDGAMQKFTDC
SKIHSLGWKHKIELEDGIKMMYKWYLKEQNIRQ
;
_entity_poly.pdbx_strand_id   A
#
# COMPACT_ATOMS: atom_id res chain seq x y z
N GLY A 1 0.47 -22.34 13.45
CA GLY A 1 0.64 -21.82 12.06
C GLY A 1 -0.42 -22.35 11.12
N MET A 2 -0.52 -21.74 9.95
CA MET A 2 -1.41 -22.22 8.94
C MET A 2 -0.77 -23.42 8.21
N GLN A 3 -1.51 -24.51 7.99
CA GLN A 3 -1.04 -25.66 7.18
C GLN A 3 -1.29 -25.38 5.77
N LYS A 4 -0.60 -26.12 4.92
CA LYS A 4 -0.63 -25.90 3.46
C LYS A 4 -1.98 -26.21 2.89
N ASP A 5 -2.66 -27.18 3.51
CA ASP A 5 -4.02 -27.53 3.15
C ASP A 5 -5.11 -26.77 3.90
N SER A 6 -4.75 -25.96 4.90
CA SER A 6 -5.74 -25.06 5.56
C SER A 6 -6.50 -24.21 4.54
N LYS A 7 -7.80 -24.06 4.75
CA LYS A 7 -8.66 -23.23 3.86
C LYS A 7 -8.57 -21.77 4.30
N ILE A 8 -8.12 -20.92 3.40
CA ILE A 8 -7.76 -19.53 3.66
C ILE A 8 -8.59 -18.70 2.77
N TYR A 9 -9.50 -17.91 3.31
CA TYR A 9 -10.30 -17.02 2.51
C TYR A 9 -9.57 -15.68 2.41
N ILE A 10 -9.31 -15.23 1.18
CA ILE A 10 -8.77 -13.89 0.94
C ILE A 10 -9.86 -13.01 0.35
N ALA A 11 -10.36 -12.08 1.17
CA ALA A 11 -11.37 -11.10 0.74
C ALA A 11 -10.68 -9.87 0.17
N GLY A 12 -11.11 -9.41 -1.01
CA GLY A 12 -10.52 -8.30 -1.74
C GLY A 12 -9.25 -8.79 -2.40
N HIS A 13 -9.37 -9.81 -3.23
CA HIS A 13 -8.20 -10.55 -3.73
C HIS A 13 -7.60 -9.95 -5.00
N SER A 14 -8.30 -9.00 -5.60
CA SER A 14 -7.89 -8.42 -6.87
C SER A 14 -7.10 -7.12 -6.76
N GLY A 15 -7.21 -6.38 -5.64
CA GLY A 15 -6.47 -5.12 -5.45
C GLY A 15 -4.98 -5.39 -5.40
N LEU A 16 -4.14 -4.35 -5.38
CA LEU A 16 -2.67 -4.48 -5.22
C LEU A 16 -2.29 -5.29 -3.99
N VAL A 17 -3.04 -5.10 -2.91
CA VAL A 17 -2.76 -5.86 -1.70
C VAL A 17 -3.11 -7.33 -1.81
N GLY A 18 -4.39 -7.59 -2.13
CA GLY A 18 -4.95 -8.93 -2.32
C GLY A 18 -4.13 -9.75 -3.27
N SER A 19 -3.78 -9.16 -4.40
CA SER A 19 -2.90 -9.81 -5.39
C SER A 19 -1.56 -10.22 -4.89
N ALA A 20 -0.83 -9.27 -4.32
CA ALA A 20 0.48 -9.56 -3.70
C ALA A 20 0.31 -10.71 -2.71
N ILE A 21 -0.76 -10.66 -1.94
CA ILE A 21 -0.95 -11.71 -0.95
C ILE A 21 -1.25 -13.06 -1.56
N LEU A 22 -2.05 -13.09 -2.60
CA LEU A 22 -2.37 -14.38 -3.26
C LEU A 22 -1.12 -14.98 -3.82
N ASN A 23 -0.30 -14.13 -4.45
CA ASN A 23 1.00 -14.54 -4.97
C ASN A 23 1.90 -15.15 -3.91
N GLU A 24 2.02 -14.47 -2.78
CA GLU A 24 2.90 -14.95 -1.76
C GLU A 24 2.40 -16.24 -1.12
N LEU A 25 1.07 -16.38 -1.02
CA LEU A 25 0.45 -17.65 -0.57
C LEU A 25 0.83 -18.79 -1.50
N LYS A 26 0.74 -18.55 -2.79
CA LYS A 26 1.22 -19.51 -3.77
C LYS A 26 2.71 -19.81 -3.61
N GLN A 27 3.56 -18.79 -3.57
CA GLN A 27 4.98 -19.00 -3.30
C GLN A 27 5.25 -19.93 -2.08
N GLN A 28 4.53 -19.75 -0.97
CA GLN A 28 4.83 -20.52 0.21
C GLN A 28 4.14 -21.89 0.27
N GLY A 29 3.42 -22.29 -0.76
CA GLY A 29 2.82 -23.63 -0.82
C GLY A 29 1.36 -23.78 -0.41
N TYR A 30 0.62 -22.67 -0.28
CA TYR A 30 -0.79 -22.76 0.13
C TYR A 30 -1.65 -23.01 -1.06
N LYS A 31 -2.31 -24.16 -1.11
CA LYS A 31 -3.20 -24.52 -2.23
C LYS A 31 -4.65 -24.17 -1.96
N ASN A 32 -5.09 -24.35 -0.73
CA ASN A 32 -6.52 -24.35 -0.42
C ASN A 32 -7.05 -22.92 -0.18
N LEU A 33 -7.19 -22.19 -1.29
CA LEU A 33 -7.45 -20.77 -1.31
C LEU A 33 -8.83 -20.48 -1.82
N VAL A 34 -9.64 -19.64 -1.10
CA VAL A 34 -10.92 -19.15 -1.58
C VAL A 34 -10.93 -17.63 -1.68
N PHE A 35 -11.67 -17.11 -2.64
CA PHE A 35 -11.80 -15.68 -2.84
C PHE A 35 -12.93 -15.47 -3.83
N LYS A 36 -13.60 -14.34 -3.75
CA LYS A 36 -14.70 -14.03 -4.65
C LYS A 36 -14.55 -12.60 -5.10
N THR A 37 -15.00 -12.32 -6.32
CA THR A 37 -15.13 -10.97 -6.89
C THR A 37 -16.32 -10.29 -6.21
N HIS A 38 -16.49 -8.97 -6.38
CA HIS A 38 -17.69 -8.27 -5.87
C HIS A 38 -18.93 -8.83 -6.50
N PHE A 39 -18.84 -8.93 -7.83
CA PHE A 39 -19.91 -9.46 -8.65
C PHE A 39 -20.44 -10.74 -8.01
N GLU A 40 -19.57 -11.53 -7.37
CA GLU A 40 -19.96 -12.76 -6.77
C GLU A 40 -20.32 -12.70 -5.29
N LEU A 41 -19.85 -11.69 -4.58
CA LEU A 41 -20.09 -11.65 -3.13
C LEU A 41 -20.02 -10.24 -2.69
N ASP A 42 -21.17 -9.62 -2.50
CA ASP A 42 -21.24 -8.31 -1.94
C ASP A 42 -20.97 -8.37 -0.41
N LEU A 43 -19.74 -8.00 -0.05
CA LEU A 43 -19.31 -7.94 1.35
C LEU A 43 -20.02 -6.93 2.19
N THR A 44 -20.71 -5.94 1.59
CA THR A 44 -21.64 -5.07 2.39
C THR A 44 -22.98 -5.77 2.76
N ASN A 45 -23.28 -6.90 2.10
CA ASN A 45 -24.54 -7.61 2.33
C ASN A 45 -24.48 -8.65 3.43
N GLN A 46 -25.17 -8.36 4.52
CA GLN A 46 -25.04 -9.13 5.70
C GLN A 46 -25.39 -10.57 5.42
N LYS A 47 -26.45 -10.81 4.64
CA LYS A 47 -26.93 -12.18 4.46
C LYS A 47 -25.92 -12.95 3.58
N ALA A 48 -25.43 -12.29 2.55
CA ALA A 48 -24.50 -12.92 1.61
C ALA A 48 -23.22 -13.37 2.30
N VAL A 49 -22.73 -12.55 3.25
CA VAL A 49 -21.49 -12.86 3.96
C VAL A 49 -21.74 -13.97 4.92
N ALA A 50 -22.85 -13.93 5.62
CA ALA A 50 -23.17 -15.02 6.51
C ALA A 50 -23.34 -16.39 5.73
N ASP A 51 -23.96 -16.35 4.54
CA ASP A 51 -24.16 -17.55 3.67
C ASP A 51 -22.85 -18.09 3.07
N PHE A 52 -22.00 -17.18 2.62
CA PHE A 52 -20.62 -17.53 2.33
C PHE A 52 -19.91 -18.25 3.48
N PHE A 53 -19.90 -17.68 4.68
CA PHE A 53 -19.18 -18.30 5.78
C PHE A 53 -19.82 -19.64 6.18
N GLU A 54 -21.13 -19.74 6.02
CA GLU A 54 -21.86 -20.99 6.29
C GLU A 54 -21.44 -22.09 5.30
N ARG A 55 -21.43 -21.78 4.02
CA ARG A 55 -21.10 -22.76 3.00
C ARG A 55 -19.63 -23.16 2.95
N GLU A 56 -18.74 -22.27 3.38
CA GLU A 56 -17.31 -22.41 3.13
C GLU A 56 -16.51 -22.72 4.38
N LYS A 57 -16.96 -22.24 5.51
CA LYS A 57 -16.25 -22.48 6.74
C LYS A 57 -14.72 -22.26 6.64
N PRO A 58 -14.25 -21.09 6.16
CA PRO A 58 -12.78 -20.85 6.12
C PRO A 58 -12.08 -20.92 7.49
N GLU A 59 -10.89 -21.51 7.53
CA GLU A 59 -10.13 -21.61 8.78
C GLU A 59 -9.41 -20.29 9.11
N TYR A 60 -9.01 -19.59 8.03
CA TYR A 60 -8.21 -18.37 8.13
C TYR A 60 -8.77 -17.39 7.17
N VAL A 61 -8.74 -16.11 7.60
CA VAL A 61 -9.29 -15.00 6.81
C VAL A 61 -8.23 -13.92 6.76
N ILE A 62 -8.07 -13.41 5.56
CA ILE A 62 -7.28 -12.28 5.31
C ILE A 62 -8.19 -11.27 4.63
N LEU A 63 -8.45 -10.16 5.33
CA LEU A 63 -9.44 -9.16 4.87
C LEU A 63 -8.68 -7.95 4.37
N ALA A 64 -8.50 -7.93 3.06
CA ALA A 64 -7.88 -6.86 2.34
C ALA A 64 -8.90 -6.02 1.56
N ALA A 65 -10.18 -6.38 1.52
CA ALA A 65 -11.26 -5.69 0.77
C ALA A 65 -11.70 -4.43 1.41
N ALA A 66 -11.70 -3.38 0.63
CA ALA A 66 -12.07 -2.07 1.09
C ALA A 66 -12.65 -1.32 -0.12
N LYS A 67 -13.49 -0.33 0.15
CA LYS A 67 -13.78 0.72 -0.79
C LYS A 67 -12.68 1.77 -0.58
N ALA A 68 -11.79 1.89 -1.55
CA ALA A 68 -10.69 2.86 -1.50
C ALA A 68 -10.55 3.53 -2.89
N GLY A 69 -9.87 4.67 -2.94
CA GLY A 69 -9.64 5.38 -4.21
C GLY A 69 -8.62 6.45 -3.97
N GLY A 70 -8.44 7.34 -4.94
CA GLY A 70 -7.48 8.42 -4.81
C GLY A 70 -7.99 9.60 -4.00
N ILE A 71 -7.18 10.64 -3.90
CA ILE A 71 -7.60 11.83 -3.15
C ILE A 71 -9.04 12.31 -3.53
N LEU A 72 -9.33 12.35 -4.84
CA LEU A 72 -10.58 12.84 -5.37
C LEU A 72 -11.75 11.96 -4.95
N ALA A 73 -11.57 10.65 -5.07
CA ALA A 73 -12.69 9.74 -4.80
C ALA A 73 -13.06 9.82 -3.32
N ASN A 74 -12.03 9.87 -2.46
CA ASN A 74 -12.20 9.95 -0.99
C ASN A 74 -12.96 11.20 -0.53
N ASN A 75 -12.73 12.28 -1.27
CA ASN A 75 -13.31 13.57 -1.02
C ASN A 75 -14.64 13.75 -1.72
N THR A 76 -14.95 12.92 -2.69
CA THR A 76 -16.25 12.96 -3.32
C THR A 76 -17.19 12.00 -2.62
N TYR A 77 -16.79 10.73 -2.57
CA TYR A 77 -17.65 9.65 -2.13
C TYR A 77 -17.53 9.39 -0.64
N ARG A 78 -17.78 10.42 0.15
CA ARG A 78 -17.47 10.37 1.58
C ARG A 78 -18.39 9.37 2.29
N ALA A 79 -19.69 9.41 2.00
CA ALA A 79 -20.64 8.43 2.57
C ALA A 79 -20.29 6.99 2.16
N ASP A 80 -20.01 6.76 0.88
CA ASP A 80 -19.70 5.38 0.40
C ASP A 80 -18.44 4.87 1.05
N PHE A 81 -17.44 5.74 1.21
CA PHE A 81 -16.18 5.35 1.83
C PHE A 81 -16.28 5.03 3.33
N ILE A 82 -17.25 5.57 4.05
CA ILE A 82 -17.37 5.16 5.48
C ILE A 82 -18.35 4.02 5.61
N TYR A 83 -19.50 4.16 4.97
CA TYR A 83 -20.55 3.15 5.10
C TYR A 83 -20.07 1.78 4.57
N GLN A 84 -19.43 1.74 3.41
CA GLN A 84 -19.14 0.37 2.83
C GLN A 84 -18.07 -0.31 3.61
N ASN A 85 -17.05 0.45 4.04
CA ASN A 85 -15.98 -0.10 4.81
C ASN A 85 -16.48 -0.56 6.18
N LEU A 86 -17.32 0.25 6.86
CA LEU A 86 -17.90 -0.17 8.10
C LEU A 86 -18.64 -1.47 7.86
N MET A 87 -19.46 -1.54 6.84
CA MET A 87 -20.22 -2.80 6.59
C MET A 87 -19.35 -4.04 6.27
N ILE A 88 -18.34 -3.84 5.43
CA ILE A 88 -17.41 -4.95 5.03
C ILE A 88 -16.73 -5.46 6.31
N GLU A 89 -16.21 -4.51 7.08
CA GLU A 89 -15.57 -4.81 8.31
C GLU A 89 -16.44 -5.55 9.30
N CYS A 90 -17.63 -5.02 9.58
CA CYS A 90 -18.51 -5.64 10.56
C CYS A 90 -18.94 -7.03 10.09
N ASN A 91 -19.33 -7.17 8.84
CA ASN A 91 -19.89 -8.47 8.35
C ASN A 91 -18.83 -9.61 8.42
N VAL A 92 -17.59 -9.32 7.95
CA VAL A 92 -16.54 -10.31 7.81
C VAL A 92 -16.01 -10.59 9.21
N ILE A 93 -15.77 -9.54 10.01
CA ILE A 93 -15.14 -9.79 11.30
C ILE A 93 -16.13 -10.55 12.19
N HIS A 94 -17.40 -10.13 12.16
CA HIS A 94 -18.41 -10.77 13.04
C HIS A 94 -18.66 -12.22 12.69
N ASN A 95 -18.86 -12.46 11.40
CA ASN A 95 -19.05 -13.84 10.90
C ASN A 95 -17.91 -14.81 11.15
N ALA A 96 -16.70 -14.26 11.12
CA ALA A 96 -15.54 -15.03 11.46
C ALA A 96 -15.56 -15.46 12.89
N TYR A 97 -15.98 -14.58 13.78
CA TYR A 97 -16.09 -15.01 15.19
C TYR A 97 -17.20 -16.13 15.29
N LEU A 98 -18.34 -15.85 14.67
CA LEU A 98 -19.52 -16.75 14.64
C LEU A 98 -19.17 -18.10 14.02
N HIS A 99 -18.37 -18.08 12.96
CA HIS A 99 -18.03 -19.32 12.27
C HIS A 99 -16.74 -19.94 12.77
N LYS A 100 -16.17 -19.41 13.85
CA LYS A 100 -15.01 -20.00 14.51
C LYS A 100 -13.76 -20.03 13.64
N VAL A 101 -13.60 -19.03 12.77
CA VAL A 101 -12.31 -18.80 12.08
C VAL A 101 -11.14 -18.89 13.08
N LYS A 102 -10.06 -19.58 12.72
CA LYS A 102 -8.93 -19.73 13.66
C LYS A 102 -8.17 -18.43 13.82
N LYS A 103 -7.95 -17.68 12.73
CA LYS A 103 -7.18 -16.40 12.77
C LYS A 103 -7.57 -15.54 11.61
N LEU A 104 -7.70 -14.24 11.89
CA LEU A 104 -8.07 -13.26 10.88
C LEU A 104 -7.04 -12.19 10.83
N LEU A 105 -6.75 -11.70 9.62
CA LEU A 105 -5.87 -10.57 9.48
C LEU A 105 -6.69 -9.51 8.79
N PHE A 106 -6.63 -8.28 9.33
CA PHE A 106 -7.32 -7.12 8.79
C PHE A 106 -6.34 -6.10 8.39
N ILE A 107 -6.41 -5.72 7.14
CA ILE A 107 -5.41 -4.83 6.59
C ILE A 107 -5.97 -3.45 6.42
N ALA A 108 -5.49 -2.54 7.25
CA ALA A 108 -5.77 -1.14 7.16
C ALA A 108 -4.54 -0.41 6.64
N SER A 109 -4.19 0.76 7.22
CA SER A 109 -3.08 1.47 6.75
C SER A 109 -2.71 2.56 7.72
N THR A 110 -1.63 3.24 7.44
CA THR A 110 -1.22 4.36 8.27
C THR A 110 -2.17 5.55 8.16
N THR A 111 -3.24 5.42 7.36
CA THR A 111 -4.34 6.43 7.32
C THR A 111 -4.96 6.66 8.69
N VAL A 112 -4.77 5.69 9.62
CA VAL A 112 -5.35 5.78 10.98
C VAL A 112 -4.66 6.79 11.90
N TYR A 113 -3.52 7.36 11.45
CA TYR A 113 -2.72 8.17 12.36
C TYR A 113 -3.01 9.66 12.21
N PRO A 114 -2.78 10.43 13.29
CA PRO A 114 -3.04 11.87 13.20
C PRO A 114 -2.14 12.52 12.13
N LYS A 115 -2.65 13.56 11.51
CA LYS A 115 -1.96 14.30 10.48
C LYS A 115 -0.70 15.01 11.05
N ASN A 116 -0.71 15.48 12.29
CA ASN A 116 0.43 16.14 12.89
C ASN A 116 1.14 15.25 13.93
N ALA A 117 1.09 13.92 13.76
CA ALA A 117 1.72 12.99 14.75
C ALA A 117 3.22 13.18 14.77
N THR A 118 3.87 12.95 15.88
CA THR A 118 5.32 13.10 15.85
C THR A 118 5.99 11.86 15.25
N LEU A 119 7.17 12.09 14.70
CA LEU A 119 7.94 11.08 14.02
C LEU A 119 9.01 10.59 14.97
N PRO A 120 9.40 9.32 14.90
CA PRO A 120 8.65 8.27 14.23
C PRO A 120 7.29 7.93 14.93
N THR A 121 6.33 7.49 14.12
CA THR A 121 4.95 7.33 14.56
C THR A 121 4.68 5.91 14.97
N SER A 122 4.67 5.68 16.29
CA SER A 122 4.38 4.33 16.76
C SER A 122 2.86 4.10 16.83
N GLU A 123 2.47 2.84 16.92
CA GLU A 123 1.09 2.44 17.14
C GLU A 123 0.49 3.17 18.32
N GLU A 124 1.29 3.53 19.33
CA GLU A 124 0.78 4.27 20.51
C GLU A 124 0.31 5.70 20.22
N GLN A 125 0.64 6.24 19.06
CA GLN A 125 0.14 7.52 18.69
C GLN A 125 -1.24 7.56 18.04
N MET A 126 -1.88 6.40 17.85
CA MET A 126 -3.20 6.39 17.30
C MET A 126 -4.16 7.26 18.17
N LEU A 127 -4.92 8.15 17.52
CA LEU A 127 -5.97 9.00 18.18
C LEU A 127 -5.37 10.13 19.02
N SER A 128 -4.08 10.41 18.85
CA SER A 128 -3.47 11.41 19.71
C SER A 128 -3.71 12.79 19.11
N GLY A 129 -4.40 12.85 17.96
CA GLY A 129 -4.70 14.12 17.31
C GLY A 129 -5.54 13.91 16.10
N ASP A 130 -5.95 15.00 15.49
CA ASP A 130 -6.97 14.95 14.49
C ASP A 130 -6.51 14.37 13.14
N LEU A 131 -7.46 13.84 12.35
CA LEU A 131 -7.17 13.27 11.08
C LEU A 131 -7.24 14.30 9.96
N GLU A 132 -6.54 13.99 8.87
CA GLU A 132 -6.62 14.69 7.58
C GLU A 132 -8.06 14.66 7.14
N TYR A 133 -8.50 15.81 6.63
CA TYR A 133 -9.85 16.00 6.18
C TYR A 133 -10.24 15.07 5.04
N THR A 134 -9.38 14.96 4.02
CA THR A 134 -9.83 14.39 2.75
C THR A 134 -10.17 12.91 2.78
N ASN A 135 -9.55 12.18 3.69
CA ASN A 135 -9.80 10.74 3.82
C ASN A 135 -10.42 10.38 5.19
N LYS A 136 -10.91 11.41 5.89
CA LYS A 136 -11.43 11.30 7.21
C LYS A 136 -12.47 10.20 7.33
N PRO A 137 -13.37 10.04 6.36
CA PRO A 137 -14.34 8.97 6.60
C PRO A 137 -13.79 7.51 6.46
N TYR A 138 -12.89 7.32 5.52
CA TYR A 138 -12.20 6.04 5.32
C TYR A 138 -11.33 5.69 6.54
N ALA A 139 -10.61 6.67 7.00
CA ALA A 139 -9.76 6.57 8.17
C ALA A 139 -10.51 6.19 9.47
N ILE A 140 -11.67 6.81 9.68
CA ILE A 140 -12.54 6.42 10.79
C ILE A 140 -13.03 5.02 10.61
N ALA A 141 -13.40 4.65 9.41
CA ALA A 141 -13.84 3.27 9.15
C ALA A 141 -12.74 2.31 9.49
N LYS A 142 -11.50 2.65 9.08
CA LYS A 142 -10.37 1.80 9.46
C LYS A 142 -10.10 1.77 10.94
N ILE A 143 -10.17 2.90 11.65
CA ILE A 143 -10.01 2.87 13.07
C ILE A 143 -11.06 1.94 13.70
N SER A 144 -12.29 2.01 13.19
CA SER A 144 -13.31 1.11 13.66
C SER A 144 -12.96 -0.35 13.43
N GLY A 145 -12.37 -0.65 12.28
CA GLY A 145 -11.89 -2.00 11.98
C GLY A 145 -10.85 -2.48 12.94
N LEU A 146 -9.89 -1.61 13.29
CA LEU A 146 -8.97 -1.91 14.36
C LEU A 146 -9.63 -2.24 15.68
N MET A 147 -10.66 -1.45 16.01
CA MET A 147 -11.27 -1.56 17.31
C MET A 147 -12.14 -2.79 17.34
N LEU A 148 -12.81 -3.09 16.24
CA LEU A 148 -13.48 -4.41 16.08
C LEU A 148 -12.55 -5.62 16.38
N CYS A 149 -11.36 -5.65 15.78
CA CYS A 149 -10.44 -6.76 15.97
C CYS A 149 -10.01 -6.90 17.43
N GLU A 150 -9.59 -5.80 18.04
CA GLU A 150 -9.11 -5.75 19.38
C GLU A 150 -10.28 -6.06 20.37
N SER A 151 -11.45 -5.51 20.08
CA SER A 151 -12.63 -5.79 20.90
C SER A 151 -13.05 -7.29 20.92
N TYR A 152 -13.15 -7.91 19.76
CA TYR A 152 -13.44 -9.33 19.68
C TYR A 152 -12.40 -10.18 20.39
N ASN A 153 -11.14 -9.79 20.24
CA ASN A 153 -10.07 -10.46 20.94
C ASN A 153 -10.21 -10.35 22.44
N LEU A 154 -10.42 -9.14 22.97
CA LEU A 154 -10.59 -8.95 24.41
C LEU A 154 -11.89 -9.58 24.96
N GLN A 155 -13.00 -9.53 24.25
CA GLN A 155 -14.25 -10.08 24.80
C GLN A 155 -14.36 -11.54 24.55
N TYR A 156 -13.94 -12.01 23.40
CA TYR A 156 -14.24 -13.40 23.03
C TYR A 156 -13.03 -14.30 22.80
N ASN A 157 -11.85 -13.81 23.07
CA ASN A 157 -10.62 -14.52 22.84
C ASN A 157 -10.46 -15.01 21.40
N THR A 158 -10.88 -14.18 20.45
CA THR A 158 -10.58 -14.45 19.06
C THR A 158 -9.10 -14.11 18.82
N ASN A 159 -8.65 -14.36 17.57
CA ASN A 159 -7.25 -14.06 17.22
C ASN A 159 -7.29 -13.28 15.95
N PHE A 160 -7.75 -12.05 16.07
CA PHE A 160 -8.01 -11.15 14.89
C PHE A 160 -6.90 -10.05 14.87
N ILE A 161 -5.97 -10.18 13.93
CA ILE A 161 -4.86 -9.29 13.88
C ILE A 161 -5.04 -8.15 12.86
N ALA A 162 -4.78 -6.94 13.35
CA ALA A 162 -4.89 -5.77 12.51
C ALA A 162 -3.52 -5.15 12.26
N ILE A 163 -3.32 -4.75 11.01
CA ILE A 163 -2.10 -4.13 10.61
C ILE A 163 -2.34 -2.84 9.89
N THR A 164 -1.36 -1.94 10.02
CA THR A 164 -1.39 -0.65 9.42
C THR A 164 -0.16 -0.39 8.57
N PRO A 165 -0.14 -0.91 7.32
CA PRO A 165 0.99 -0.68 6.45
C PRO A 165 1.08 0.76 5.99
N THR A 166 2.31 1.19 5.73
CA THR A 166 2.58 2.52 5.23
C THR A 166 2.30 2.54 3.70
N ASN A 167 2.64 3.66 3.04
CA ASN A 167 2.49 3.84 1.58
C ASN A 167 3.14 2.62 0.81
N LEU A 168 2.46 2.05 -0.17
CA LEU A 168 2.91 0.93 -0.97
C LEU A 168 3.41 1.28 -2.34
N TYR A 169 4.25 0.37 -2.87
CA TYR A 169 4.72 0.41 -4.28
C TYR A 169 5.05 -1.02 -4.71
N GLY A 170 5.14 -1.21 -6.00
CA GLY A 170 5.28 -2.55 -6.58
C GLY A 170 5.77 -2.45 -7.99
N ASN A 171 5.52 -3.50 -8.76
CA ASN A 171 5.62 -3.42 -10.25
C ASN A 171 4.28 -3.19 -10.94
N ASN A 172 3.22 -3.10 -10.14
CA ASN A 172 1.88 -2.89 -10.66
C ASN A 172 1.45 -1.41 -10.59
N ASP A 173 2.44 -0.53 -10.57
CA ASP A 173 2.15 0.90 -10.45
C ASP A 173 1.79 1.38 -11.82
N LYS A 174 1.17 2.57 -11.80
CA LYS A 174 0.75 3.26 -13.00
C LYS A 174 1.79 4.31 -13.23
N PHE A 175 2.15 4.47 -14.48
CA PHE A 175 3.17 5.40 -14.94
C PHE A 175 2.54 6.48 -15.84
N ASP A 176 1.20 6.52 -15.86
CA ASP A 176 0.43 7.57 -16.54
C ASP A 176 0.95 8.85 -15.92
N LEU A 177 1.52 9.71 -16.73
CA LEU A 177 2.09 10.88 -16.12
C LEU A 177 0.98 11.79 -15.55
N GLU A 178 -0.26 11.66 -16.05
CA GLU A 178 -1.39 12.44 -15.52
C GLU A 178 -1.76 11.93 -14.11
N LYS A 179 -2.18 10.66 -14.01
CA LYS A 179 -2.49 10.07 -12.69
C LYS A 179 -1.45 9.01 -12.30
N SER A 180 -0.46 9.42 -11.48
CA SER A 180 0.51 8.48 -10.82
C SER A 180 1.16 9.02 -9.48
N HIS A 181 1.69 8.10 -8.68
CA HIS A 181 2.26 8.50 -7.41
C HIS A 181 3.62 9.11 -7.62
N VAL A 182 4.14 9.67 -6.56
CA VAL A 182 5.39 10.34 -6.56
C VAL A 182 6.56 9.49 -7.13
N LEU A 183 6.67 8.24 -6.73
CA LEU A 183 7.78 7.39 -7.12
C LEU A 183 7.73 7.00 -8.59
N PRO A 184 6.65 6.32 -9.06
CA PRO A 184 6.59 6.03 -10.51
C PRO A 184 6.57 7.30 -11.42
N GLY A 185 6.04 8.40 -10.91
CA GLY A 185 6.00 9.67 -11.65
C GLY A 185 7.39 10.28 -11.86
N ILE A 186 8.18 10.29 -10.81
CA ILE A 186 9.60 10.77 -10.95
C ILE A 186 10.45 9.79 -11.74
N LEU A 187 10.16 8.49 -11.57
CA LEU A 187 10.95 7.53 -12.31
C LEU A 187 10.75 7.72 -13.83
N ARG A 188 9.49 7.88 -14.22
CA ARG A 188 9.22 8.03 -15.67
C ARG A 188 9.71 9.39 -16.18
N LYS A 189 9.47 10.45 -15.39
CA LYS A 189 10.05 11.76 -15.77
C LYS A 189 11.56 11.70 -15.99
N MET A 190 12.26 11.00 -15.08
CA MET A 190 13.67 10.92 -15.12
C MET A 190 14.09 10.13 -16.32
N HIS A 191 13.41 9.02 -16.64
CA HIS A 191 13.69 8.21 -17.81
C HIS A 191 13.53 9.01 -19.13
N LEU A 192 12.50 9.83 -19.16
CA LEU A 192 12.20 10.64 -20.35
C LEU A 192 13.23 11.70 -20.55
N ALA A 193 13.72 12.28 -19.49
CA ALA A 193 14.81 13.22 -19.57
C ALA A 193 16.10 12.59 -20.02
N LYS A 194 16.39 11.37 -19.54
CA LYS A 194 17.52 10.62 -20.08
C LYS A 194 17.41 10.42 -21.59
N LEU A 195 16.22 10.05 -22.06
CA LEU A 195 16.03 9.75 -23.47
C LEU A 195 16.28 11.02 -24.27
N LEU A 196 15.81 12.17 -23.80
CA LEU A 196 16.05 13.43 -24.52
C LEU A 196 17.55 13.79 -24.46
N ASN A 197 18.14 13.68 -23.27
CA ASN A 197 19.54 13.99 -23.05
C ASN A 197 20.47 13.15 -23.90
N GLU A 198 20.13 11.89 -24.13
CA GLU A 198 20.97 11.03 -24.95
C GLU A 198 20.51 10.95 -26.38
N LYS A 199 19.51 11.72 -26.76
CA LYS A 199 19.01 11.78 -28.14
C LYS A 199 18.55 10.39 -28.61
N ARG A 200 17.84 9.70 -27.74
CA ARG A 200 17.34 8.40 -28.04
C ARG A 200 15.91 8.68 -28.45
N TYR A 201 15.75 9.19 -29.64
CA TYR A 201 14.47 9.58 -30.11
C TYR A 201 13.48 8.47 -30.50
N GLU A 202 13.95 7.35 -31.04
CA GLU A 202 13.03 6.21 -31.22
C GLU A 202 12.38 5.74 -29.93
N ASP A 203 13.22 5.67 -28.89
CA ASP A 203 12.70 5.29 -27.57
C ASP A 203 11.72 6.33 -27.03
N LEU A 204 12.02 7.59 -27.22
CA LEU A 204 11.21 8.71 -26.70
C LEU A 204 9.83 8.70 -27.34
N LEU A 205 9.80 8.59 -28.67
CA LEU A 205 8.53 8.47 -29.40
C LEU A 205 7.68 7.26 -29.00
N ASN A 206 8.35 6.17 -28.86
CA ASN A 206 7.74 4.97 -28.44
C ASN A 206 7.21 5.05 -27.02
N ASP A 207 7.96 5.67 -26.13
CA ASP A 207 7.58 5.74 -24.72
C ASP A 207 6.28 6.60 -24.64
N LEU A 208 6.25 7.70 -25.35
CA LEU A 208 5.15 8.61 -25.22
C LEU A 208 4.00 8.30 -26.19
N LYS A 209 4.25 7.46 -27.19
CA LYS A 209 3.28 7.23 -28.24
C LYS A 209 3.07 8.54 -29.02
N PHE A 210 4.14 9.30 -29.25
CA PHE A 210 4.12 10.44 -30.12
C PHE A 210 4.76 10.08 -31.46
N ASP A 211 4.54 10.94 -32.45
CA ASP A 211 5.26 10.71 -33.70
C ASP A 211 5.91 11.95 -34.29
N SER A 212 6.02 13.01 -33.49
CA SER A 212 6.76 14.12 -33.85
C SER A 212 7.68 14.39 -32.67
N ILE A 213 8.95 14.51 -32.97
CA ILE A 213 9.92 14.85 -31.96
C ILE A 213 9.63 16.17 -31.31
N GLU A 214 9.36 17.21 -32.09
CA GLU A 214 9.12 18.49 -31.58
C GLU A 214 7.86 18.46 -30.71
N GLU A 215 6.81 17.74 -31.10
CA GLU A 215 5.63 17.69 -30.24
C GLU A 215 5.95 16.98 -28.89
N ALA A 216 6.76 15.91 -28.97
CA ALA A 216 7.23 15.20 -27.78
C ALA A 216 7.94 16.16 -26.86
N LYS A 217 8.84 16.96 -27.39
CA LYS A 217 9.55 17.96 -26.55
C LYS A 217 8.55 18.95 -25.90
N ASN A 218 7.61 19.46 -26.69
CA ASN A 218 6.64 20.42 -26.12
C ASN A 218 5.81 19.81 -25.00
N TYR A 219 5.33 18.60 -25.25
CA TYR A 219 4.60 17.88 -24.29
C TYR A 219 5.38 17.63 -22.98
N LEU A 220 6.66 17.26 -23.05
CA LEU A 220 7.45 17.04 -21.81
C LEU A 220 7.70 18.34 -20.99
N LYS A 221 7.61 19.52 -21.62
CA LYS A 221 7.62 20.80 -20.87
C LYS A 221 6.52 20.89 -19.85
N LYS A 222 5.37 20.30 -20.10
CA LYS A 222 4.30 20.33 -19.12
C LYS A 222 4.75 19.66 -17.82
N PHE A 223 5.64 18.65 -17.93
CA PHE A 223 6.09 17.97 -16.72
C PHE A 223 7.42 18.41 -16.19
N GLY A 224 7.92 19.54 -16.65
CA GLY A 224 9.17 19.99 -16.12
C GLY A 224 10.42 19.33 -16.67
N VAL A 225 10.32 18.73 -17.86
CA VAL A 225 11.37 17.94 -18.46
C VAL A 225 11.82 18.54 -19.76
N ASP A 226 13.14 18.73 -19.84
CA ASP A 226 13.87 18.91 -21.10
C ASP A 226 15.18 18.15 -21.09
N LYS A 227 15.99 18.34 -22.10
CA LYS A 227 17.18 17.51 -22.32
C LYS A 227 18.28 17.71 -21.27
N ASP A 228 18.25 18.82 -20.53
CA ASP A 228 19.22 19.09 -19.51
C ASP A 228 18.67 19.06 -18.12
N ASN A 229 17.33 19.08 -17.93
CA ASN A 229 16.72 19.39 -16.66
C ASN A 229 15.48 18.62 -16.39
N VAL A 230 15.32 18.21 -15.12
CA VAL A 230 14.05 17.75 -14.60
C VAL A 230 13.61 18.59 -13.39
N GLU A 231 12.41 19.15 -13.47
CA GLU A 231 11.92 20.05 -12.45
C GLU A 231 11.07 19.26 -11.51
N ILE A 232 11.37 19.42 -10.23
CA ILE A 232 10.60 18.90 -9.12
C ILE A 232 9.92 20.10 -8.45
N TRP A 233 8.64 19.96 -8.15
CA TRP A 233 7.90 21.09 -7.56
C TRP A 233 8.13 21.19 -6.07
N GLY A 234 8.60 22.35 -5.63
CA GLY A 234 8.79 22.57 -4.21
C GLY A 234 10.25 22.52 -3.91
N SER A 235 10.59 22.61 -2.63
CA SER A 235 11.97 22.55 -2.21
C SER A 235 12.49 21.12 -2.21
N GLY A 236 11.61 20.11 -2.18
CA GLY A 236 12.11 18.74 -2.02
C GLY A 236 12.38 18.34 -0.54
N LYS A 237 11.86 19.12 0.40
CA LYS A 237 12.01 18.84 1.83
C LYS A 237 11.00 17.86 2.43
N PRO A 238 9.76 17.76 1.89
CA PRO A 238 8.80 16.77 2.40
C PRO A 238 9.36 15.36 2.34
N THR A 239 8.96 14.55 3.32
CA THR A 239 9.38 13.18 3.36
C THR A 239 8.24 12.26 2.93
N ARG A 240 8.63 11.10 2.41
CA ARG A 240 7.75 9.99 2.15
C ARG A 240 8.42 8.71 2.66
N GLU A 241 7.63 7.66 2.69
CA GLU A 241 8.13 6.36 2.92
C GLU A 241 7.50 5.35 2.01
N PHE A 242 8.22 4.22 1.83
CA PHE A 242 7.79 3.23 0.84
C PHE A 242 7.99 1.79 1.38
N LEU A 243 6.91 0.98 1.30
CA LEU A 243 6.92 -0.41 1.51
C LEU A 243 6.53 -1.18 0.26
N HIS A 244 7.38 -2.14 -0.13
CA HIS A 244 7.17 -2.84 -1.35
C HIS A 244 6.10 -3.81 -1.08
N SER A 245 5.22 -3.99 -2.06
CA SER A 245 4.07 -4.88 -1.85
C SER A 245 4.45 -6.34 -1.49
N GLN A 246 5.53 -6.88 -2.10
CA GLN A 246 6.05 -8.17 -1.70
C GLN A 246 6.51 -8.26 -0.27
N ASP A 247 7.25 -7.26 0.26
CA ASP A 247 7.48 -7.14 1.71
C ASP A 247 6.15 -7.11 2.50
N LEU A 248 5.19 -6.33 2.08
CA LEU A 248 3.88 -6.37 2.83
C LEU A 248 3.34 -7.80 2.83
N ALA A 249 3.33 -8.45 1.66
CA ALA A 249 2.76 -9.79 1.57
C ALA A 249 3.50 -10.82 2.42
N ASN A 250 4.83 -10.75 2.45
CA ASN A 250 5.64 -11.54 3.32
C ASN A 250 5.29 -11.27 4.79
N ALA A 251 5.16 -10.02 5.17
CA ALA A 251 4.84 -9.75 6.56
C ALA A 251 3.42 -10.30 6.94
N CYS A 252 2.48 -10.32 5.99
CA CYS A 252 1.15 -10.91 6.22
C CYS A 252 1.25 -12.37 6.54
N LEU A 253 1.97 -13.10 5.68
CA LEU A 253 2.28 -14.48 5.94
C LEU A 253 2.97 -14.72 7.26
N PHE A 254 3.98 -13.88 7.60
CA PHE A 254 4.77 -14.10 8.81
C PHE A 254 3.83 -13.91 10.01
N ILE A 255 3.05 -12.85 9.94
CA ILE A 255 2.05 -12.59 11.02
C ILE A 255 1.10 -13.81 11.17
N MET A 256 0.51 -14.28 10.09
CA MET A 256 -0.45 -15.37 10.22
C MET A 256 0.15 -16.65 10.86
N ASN A 257 1.40 -16.91 10.51
CA ASN A 257 2.11 -18.06 11.00
C ASN A 257 2.79 -17.87 12.34
N ASN A 258 3.23 -16.66 12.69
CA ASN A 258 4.00 -16.44 13.93
C ASN A 258 3.61 -15.40 14.95
N ILE A 259 2.57 -14.61 14.72
CA ILE A 259 2.21 -13.55 15.68
C ILE A 259 0.72 -13.66 15.95
N ASP A 260 0.37 -13.88 17.22
CA ASP A 260 -1.02 -14.06 17.70
C ASP A 260 -1.35 -12.93 18.66
N PHE A 261 -2.63 -12.79 19.00
CA PHE A 261 -3.05 -11.68 19.86
C PHE A 261 -2.22 -11.63 21.15
N LYS A 262 -2.02 -12.79 21.74
CA LYS A 262 -1.22 -12.82 22.99
C LYS A 262 0.18 -12.17 22.94
N ASP A 263 0.86 -12.22 21.81
CA ASP A 263 2.13 -11.45 21.57
C ASP A 263 2.00 -9.93 21.59
N LEU A 264 0.78 -9.44 21.42
CA LEU A 264 0.51 -8.01 21.24
C LEU A 264 -0.15 -7.35 22.48
N LYS A 265 -0.53 -8.10 23.50
CA LYS A 265 -0.99 -7.53 24.82
C LYS A 265 0.24 -7.18 25.66
N SER A 266 0.06 -6.40 26.73
CA SER A 266 1.17 -6.22 27.71
C SER A 266 0.82 -6.61 29.16
N ILE A 269 -2.99 -3.27 32.08
CA ILE A 269 -4.35 -3.86 32.10
C ILE A 269 -5.37 -3.17 31.17
N GLU A 270 -5.05 -1.99 30.67
CA GLU A 270 -5.85 -1.37 29.62
C GLU A 270 -5.17 -1.69 28.30
N ILE A 271 -5.76 -2.63 27.56
CA ILE A 271 -5.16 -3.11 26.34
C ILE A 271 -5.69 -2.33 25.12
N ILE A 272 -4.79 -1.49 24.56
CA ILE A 272 -5.03 -0.66 23.35
C ILE A 272 -3.86 -0.75 22.39
N ASN A 273 -4.10 -0.33 21.17
CA ASN A 273 -3.08 -0.23 20.15
C ASN A 273 -2.29 -1.53 19.98
N THR A 274 -3.09 -2.57 19.81
CA THR A 274 -2.56 -3.90 19.55
C THR A 274 -2.48 -4.24 18.06
N HIS A 275 -2.80 -3.27 17.20
CA HIS A 275 -2.40 -3.28 15.79
C HIS A 275 -0.86 -3.15 15.57
N LEU A 276 -0.42 -3.43 14.34
CA LEU A 276 1.00 -3.47 13.97
C LEU A 276 1.29 -2.68 12.72
N ASN A 277 2.20 -1.72 12.85
CA ASN A 277 2.72 -0.97 11.75
C ASN A 277 3.58 -1.89 10.92
N ILE A 278 3.49 -1.74 9.61
CA ILE A 278 4.32 -2.49 8.65
C ILE A 278 4.89 -1.47 7.74
N GLY A 279 6.22 -1.53 7.54
CA GLY A 279 6.95 -0.52 6.78
C GLY A 279 8.43 -0.77 6.82
N PRO A 280 9.21 0.09 6.21
CA PRO A 280 10.69 -0.10 6.20
C PRO A 280 11.39 0.53 7.35
N HIS A 281 10.66 1.20 8.26
CA HIS A 281 11.27 1.94 9.36
C HIS A 281 12.32 2.89 8.85
N LYS A 282 11.87 3.71 7.90
CA LYS A 282 12.73 4.58 7.16
C LYS A 282 11.91 5.57 6.30
N ASN A 283 12.37 6.81 6.17
CA ASN A 283 11.72 7.76 5.32
C ASN A 283 12.78 8.44 4.52
N ILE A 284 12.38 9.26 3.55
CA ILE A 284 13.26 9.88 2.61
C ILE A 284 12.63 11.16 2.10
N THR A 285 13.45 12.18 1.90
CA THR A 285 13.00 13.45 1.29
C THR A 285 12.74 13.27 -0.19
N ILE A 286 11.85 14.07 -0.72
CA ILE A 286 11.64 14.14 -2.16
C ILE A 286 12.96 14.39 -2.87
N LYS A 287 13.74 15.34 -2.41
CA LYS A 287 15.03 15.61 -3.02
C LYS A 287 15.96 14.39 -3.04
N GLU A 288 16.12 13.74 -1.90
CA GLU A 288 16.94 12.51 -1.87
C GLU A 288 16.38 11.42 -2.82
N LEU A 289 15.05 11.29 -2.86
CA LEU A 289 14.43 10.31 -3.67
C LEU A 289 14.73 10.60 -5.14
N ALA A 290 14.60 11.87 -5.51
CA ALA A 290 14.89 12.28 -6.84
C ALA A 290 16.35 11.97 -7.25
N GLU A 291 17.31 12.22 -6.34
CA GLU A 291 18.71 11.83 -6.55
C GLU A 291 18.89 10.35 -6.77
N LEU A 292 18.28 9.53 -5.93
CA LEU A 292 18.42 8.08 -6.09
C LEU A 292 17.91 7.64 -7.46
N ILE A 293 16.72 8.10 -7.82
CA ILE A 293 16.10 7.79 -9.12
C ILE A 293 16.99 8.34 -10.26
N LYS A 294 17.56 9.54 -10.10
CA LYS A 294 18.45 10.07 -11.14
C LYS A 294 19.62 9.14 -11.38
N ASN A 295 20.15 8.56 -10.32
CA ASN A 295 21.29 7.74 -10.43
C ASN A 295 20.95 6.38 -11.07
N ILE A 296 19.84 5.81 -10.64
CA ILE A 296 19.37 4.53 -11.14
C ILE A 296 19.04 4.62 -12.62
N VAL A 297 18.35 5.68 -13.02
CA VAL A 297 18.04 5.90 -14.40
C VAL A 297 19.28 6.23 -15.22
N GLY A 298 20.22 6.95 -14.61
CA GLY A 298 21.47 7.37 -15.26
C GLY A 298 21.22 8.62 -16.05
N PHE A 299 20.34 9.48 -15.53
CA PHE A 299 20.15 10.76 -16.12
C PHE A 299 21.36 11.65 -15.71
N LYS A 300 21.91 12.36 -16.69
CA LYS A 300 23.12 13.13 -16.51
C LYS A 300 22.90 14.58 -16.41
N GLY A 301 21.65 15.05 -16.43
CA GLY A 301 21.40 16.47 -16.39
C GLY A 301 21.09 16.87 -14.95
N LYS A 302 20.36 17.96 -14.81
CA LYS A 302 20.19 18.64 -13.54
C LYS A 302 18.79 18.44 -12.96
N LEU A 303 18.70 18.41 -11.63
CA LEU A 303 17.48 18.50 -10.91
C LEU A 303 17.32 19.89 -10.39
N VAL A 304 16.12 20.43 -10.56
CA VAL A 304 15.78 21.79 -10.20
C VAL A 304 14.54 21.67 -9.31
N PHE A 305 14.64 22.25 -8.10
CA PHE A 305 13.53 22.26 -7.14
C PHE A 305 12.95 23.66 -7.15
N ASN A 306 11.73 23.81 -7.68
CA ASN A 306 11.14 25.12 -7.93
C ASN A 306 10.30 25.55 -6.73
N LEU A 307 10.84 26.52 -6.00
CA LEU A 307 10.21 26.96 -4.77
C LEU A 307 8.70 27.38 -4.88
N ASN A 308 8.12 27.50 -6.08
CA ASN A 308 6.65 27.64 -6.20
C ASN A 308 5.90 26.30 -6.07
N ARG A 309 5.70 25.93 -4.80
CA ARG A 309 4.71 24.98 -4.26
C ARG A 309 5.22 23.59 -3.90
N MET A 314 4.51 18.25 4.04
CA MET A 314 4.21 17.04 4.77
C MET A 314 5.44 16.19 5.14
N GLN A 315 5.34 15.52 6.30
CA GLN A 315 6.39 14.67 6.90
C GLN A 315 5.80 13.33 7.35
N LYS A 316 6.51 12.23 7.06
CA LYS A 316 6.00 10.91 7.37
C LYS A 316 7.13 9.94 7.75
N PHE A 317 6.92 9.17 8.83
CA PHE A 317 7.85 8.18 9.35
C PHE A 317 7.13 7.28 10.29
N THR A 318 6.76 6.13 9.80
CA THR A 318 6.06 5.15 10.57
C THR A 318 7.07 4.27 11.40
N ASP A 319 6.87 4.17 12.70
CA ASP A 319 7.75 3.39 13.60
C ASP A 319 7.36 1.95 13.53
N CYS A 320 8.22 1.11 12.96
CA CYS A 320 8.00 -0.32 12.89
C CYS A 320 8.83 -1.16 13.85
N SER A 321 9.20 -0.55 14.96
CA SER A 321 9.96 -1.25 16.03
C SER A 321 9.29 -2.49 16.50
N LYS A 322 8.01 -2.33 16.70
CA LYS A 322 7.25 -3.44 17.25
C LYS A 322 7.20 -4.66 16.37
N ILE A 323 6.99 -4.50 15.07
CA ILE A 323 7.04 -5.70 14.19
C ILE A 323 8.49 -6.28 14.17
N HIS A 324 9.50 -5.42 14.20
CA HIS A 324 10.92 -5.88 14.32
C HIS A 324 11.18 -6.74 15.55
N SER A 325 10.68 -6.28 16.71
CA SER A 325 10.84 -7.02 17.97
C SER A 325 10.04 -8.26 17.90
N LEU A 326 9.09 -8.38 16.97
CA LEU A 326 8.42 -9.72 16.80
C LEU A 326 9.01 -10.57 15.71
N GLY A 327 10.17 -10.18 15.16
CA GLY A 327 10.89 -11.15 14.28
C GLY A 327 10.74 -10.95 12.76
N TRP A 328 10.20 -9.81 12.29
CA TRP A 328 10.05 -9.55 10.84
C TRP A 328 10.66 -8.19 10.53
N LYS A 329 11.47 -8.17 9.50
CA LYS A 329 11.99 -6.95 8.91
C LYS A 329 11.77 -6.98 7.40
N HIS A 330 11.45 -5.83 6.77
CA HIS A 330 11.37 -5.76 5.34
C HIS A 330 12.70 -6.23 4.71
N LYS A 331 12.67 -6.83 3.55
CA LYS A 331 13.87 -7.25 2.85
C LYS A 331 14.23 -6.44 1.62
N ILE A 332 13.33 -5.62 1.06
CA ILE A 332 13.61 -4.92 -0.21
C ILE A 332 13.87 -3.47 0.15
N GLU A 333 15.11 -3.07 0.06
CA GLU A 333 15.48 -1.69 0.20
C GLU A 333 15.03 -0.89 -1.04
N LEU A 334 14.78 0.39 -0.82
CA LEU A 334 14.21 1.29 -1.82
C LEU A 334 14.98 1.23 -3.15
N GLU A 335 16.28 1.37 -3.13
CA GLU A 335 17.03 1.33 -4.39
C GLU A 335 16.82 0.05 -5.20
N ASP A 336 16.76 -1.11 -4.53
CA ASP A 336 16.44 -2.33 -5.19
C ASP A 336 15.05 -2.40 -5.73
N GLY A 337 14.07 -1.91 -4.96
CA GLY A 337 12.70 -1.90 -5.43
C GLY A 337 12.51 -0.99 -6.64
N ILE A 338 13.18 0.15 -6.65
CA ILE A 338 13.12 1.08 -7.82
C ILE A 338 13.84 0.45 -9.02
N LYS A 339 14.96 -0.22 -8.83
CA LYS A 339 15.57 -0.90 -10.03
C LYS A 339 14.65 -1.94 -10.61
N MET A 340 14.01 -2.69 -9.73
CA MET A 340 13.12 -3.75 -10.20
C MET A 340 11.97 -3.11 -10.98
N MET A 341 11.39 -2.05 -10.47
CA MET A 341 10.26 -1.35 -11.13
C MET A 341 10.70 -0.80 -12.49
N TYR A 342 11.82 -0.16 -12.51
CA TYR A 342 12.37 0.33 -13.76
C TYR A 342 12.62 -0.80 -14.75
N LYS A 343 13.07 -1.96 -14.28
CA LYS A 343 13.34 -3.05 -15.23
C LYS A 343 12.03 -3.59 -15.81
N TRP A 344 10.97 -3.66 -14.99
CA TRP A 344 9.65 -4.09 -15.46
C TRP A 344 9.15 -3.02 -16.43
N TYR A 345 9.37 -1.76 -16.07
CA TYR A 345 8.87 -0.65 -16.87
C TYR A 345 9.46 -0.70 -18.31
N LEU A 346 10.78 -0.74 -18.38
CA LEU A 346 11.51 -0.86 -19.64
C LEU A 346 11.11 -2.09 -20.52
N LYS A 347 10.88 -3.22 -19.88
CA LYS A 347 10.37 -4.39 -20.53
C LYS A 347 8.96 -4.16 -21.09
N GLU A 348 8.08 -3.54 -20.33
CA GLU A 348 6.73 -3.22 -20.82
C GLU A 348 6.73 -2.10 -21.90
N GLN A 349 7.67 -1.18 -21.85
CA GLN A 349 7.82 -0.18 -22.92
C GLN A 349 8.69 -0.67 -24.05
N ASN A 350 9.35 -1.81 -23.88
CA ASN A 350 10.20 -2.42 -24.94
C ASN A 350 11.31 -1.46 -25.25
N ILE A 351 11.91 -0.89 -24.21
CA ILE A 351 13.01 0.08 -24.31
C ILE A 351 14.13 -0.58 -23.53
N ARG A 352 15.34 -0.44 -23.97
CA ARG A 352 16.52 -0.98 -23.24
C ARG A 352 17.07 0.04 -22.19
N GLN A 353 17.83 -0.41 -21.20
CA GLN A 353 18.56 0.55 -20.34
C GLN A 353 19.36 1.58 -21.15
#